data_9FAD
#
_entry.id   9FAD
#
_cell.length_a   52.861
_cell.length_b   74.205
_cell.length_c   68.539
_cell.angle_alpha   90.00
_cell.angle_beta   102.63
_cell.angle_gamma   90.00
#
_symmetry.space_group_name_H-M   'P 1 21 1'
#
loop_
_entity.id
_entity.type
_entity.pdbx_description
1 polymer 'Lysosomal acid glucosylceramidase'
2 branched 2-acetamido-2-deoxy-beta-D-glucopyranose-(1-4)-2-acetamido-2-deoxy-beta-D-glucopyranose-(1-4)-2-acetamido-2-deoxy-beta-D-glucopyranose
3 non-polymer 2-acetamido-2-deoxy-beta-D-glucopyranose
4 non-polymer 'POTASSIUM ION'
5 non-polymer 'SULFATE ION'
6 non-polymer ~{N}-[(2~{S})-2-azanylpropyl]-4-methyl-benzenesulfonamide
7 water water
#
_entity_poly.entity_id   1
_entity_poly.type   'polypeptide(L)'
_entity_poly.pdbx_seq_one_letter_code
;MEFSSPSREECPKPLSRVSIMAGSLTGLLLLQAVSWASGARPCIPKSFGYSSVVCVCNATYCDSFDPPTFPALGTFSRYE
STRSGRRMELSMGPIQANHTGTGLLLTLQPEQKFQKVKGFGGAMTDAAALNILALSPPAQNLLLKSYFSEEGIGYNIIRV
PMASCDFSIRTYTYADTPDDFQLHNFSLPEEDTKLKIPLIHRALQLAQRPVSLLASPWTSPTWLKTNGAVNGKGSLKGQP
GDIYHQTWARYFVKFLDAYAEHKLQFWAVTAENEPSAGLLSGYPFQCLGFTPEHQRDFIARDLGPTLANSTHHNVRLLML
DDQRLLLPHWAKVVLTDPEAAKYVHGIAVHWYLDFLAPAKATLGETHRLFPNTMLFASEA(CSD)VGSKFWEQSVRLGSW
DRGMQYSHSIITNLLYHVVGWTDWNLALNPEGGPNWVRNFVDSPIIVDITKDTFYKQPMFYHLGHFSKFIPEGSQRVGLV
ASQKNDLDAVALMHPDGSAVVVVLNRSSKDVPLTIKDPAVGFLETISPGYSIHTYLWRRQHHHHHHHHHH
;
_entity_poly.pdbx_strand_id   A
#
loop_
_chem_comp.id
_chem_comp.type
_chem_comp.name
_chem_comp.formula
A1IBD non-polymer ~{N}-[(2~{S})-2-azanylpropyl]-4-methyl-benzenesulfonamide 'C10 H16 N2 O2 S'
K non-polymer 'POTASSIUM ION' 'K 1'
NAG D-saccharide, beta linking 2-acetamido-2-deoxy-beta-D-glucopyranose 'C8 H15 N O6'
SO4 non-polymer 'SULFATE ION' 'O4 S -2'
#
# COMPACT_ATOMS: atom_id res chain seq x y z
N ALA A 40 -5.35 6.71 -25.52
CA ALA A 40 -4.48 7.38 -24.51
C ALA A 40 -4.81 8.87 -24.45
N ARG A 41 -4.70 9.45 -23.26
CA ARG A 41 -4.78 10.89 -23.09
C ARG A 41 -3.57 11.29 -22.23
N PRO A 42 -2.86 12.32 -22.66
CA PRO A 42 -1.72 12.74 -21.86
C PRO A 42 -2.09 13.60 -20.64
N CYS A 43 -1.13 13.69 -19.73
CA CYS A 43 -1.15 14.58 -18.58
C CYS A 43 -1.42 16.03 -19.04
N ILE A 44 -2.37 16.71 -18.38
CA ILE A 44 -2.46 18.15 -18.42
C ILE A 44 -1.70 18.66 -17.20
N PRO A 45 -0.52 19.23 -17.39
CA PRO A 45 0.28 19.55 -16.20
C PRO A 45 -0.08 20.91 -15.60
N LYS A 46 0.08 21.02 -14.29
CA LYS A 46 -0.06 22.29 -13.64
C LYS A 46 0.98 22.39 -12.53
N SER A 47 1.56 23.56 -12.42
CA SER A 47 2.58 23.86 -11.41
C SER A 47 1.94 24.64 -10.26
N PHE A 48 2.26 24.23 -9.03
CA PHE A 48 1.89 24.97 -7.84
C PHE A 48 3.14 25.55 -7.14
N GLY A 49 4.26 25.58 -7.85
CA GLY A 49 5.48 26.21 -7.34
C GLY A 49 6.44 25.23 -6.67
N TYR A 50 6.11 23.94 -6.62
CA TYR A 50 7.03 22.90 -6.08
C TYR A 50 7.93 22.42 -7.23
N SER A 51 8.71 21.36 -7.05
CA SER A 51 9.78 21.07 -8.02
C SER A 51 9.23 20.48 -9.34
N SER A 52 8.02 19.94 -9.34
CA SER A 52 7.44 19.34 -10.55
C SER A 52 5.94 19.67 -10.63
N VAL A 53 5.21 18.94 -11.46
CA VAL A 53 3.84 19.30 -11.79
C VAL A 53 2.90 18.21 -11.28
N VAL A 54 1.64 18.60 -11.11
CA VAL A 54 0.57 17.61 -10.99
C VAL A 54 -0.07 17.45 -12.36
N CYS A 55 -0.80 16.38 -12.53
CA CYS A 55 -1.67 16.22 -13.70
C CYS A 55 -3.10 16.58 -13.29
N VAL A 56 -3.81 17.39 -14.10
CA VAL A 56 -5.11 17.92 -13.68
C VAL A 56 -6.20 17.09 -14.34
N CYS A 57 -7.13 16.56 -13.57
CA CYS A 57 -8.29 15.85 -14.14
C CYS A 57 -9.58 16.51 -13.61
N ASN A 58 -10.69 16.29 -14.28
CA ASN A 58 -11.93 16.98 -13.95
C ASN A 58 -13.09 16.17 -14.53
N ALA A 59 -14.27 16.76 -14.67
CA ALA A 59 -15.46 16.01 -15.07
C ALA A 59 -15.36 15.53 -16.53
N THR A 60 -14.48 16.10 -17.37
CA THR A 60 -14.46 15.83 -18.81
C THR A 60 -13.09 15.32 -19.28
N TYR A 61 -12.07 15.28 -18.43
CA TYR A 61 -10.73 14.94 -18.91
C TYR A 61 -9.91 14.31 -17.78
N CYS A 62 -9.23 13.24 -18.13
CA CYS A 62 -8.17 12.72 -17.27
C CYS A 62 -7.17 11.95 -18.17
N ASP A 63 -5.90 12.03 -17.79
CA ASP A 63 -4.86 11.29 -18.47
C ASP A 63 -5.09 9.77 -18.25
N SER A 64 -4.82 8.99 -19.28
CA SER A 64 -5.15 7.55 -19.29
C SER A 64 -4.29 6.84 -20.34
N PHE A 65 -4.09 5.53 -20.15
CA PHE A 65 -3.36 4.69 -21.13
C PHE A 65 -4.33 3.97 -22.07
N ASP A 66 -3.81 3.55 -23.21
CA ASP A 66 -4.52 2.56 -24.01
C ASP A 66 -4.58 1.23 -23.28
N PRO A 67 -5.46 0.34 -23.75
CA PRO A 67 -5.51 -1.00 -23.22
C PRO A 67 -4.08 -1.59 -23.24
N PRO A 68 -3.67 -2.26 -22.16
CA PRO A 68 -2.29 -2.78 -22.05
C PRO A 68 -2.02 -3.89 -23.08
N THR A 69 -0.94 -3.76 -23.83
CA THR A 69 -0.41 -4.77 -24.74
C THR A 69 1.11 -4.82 -24.61
N PHE A 70 1.66 -5.99 -24.86
CA PHE A 70 3.10 -6.17 -24.91
C PHE A 70 3.61 -5.93 -26.33
N PRO A 71 4.82 -5.40 -26.45
CA PRO A 71 5.48 -5.36 -27.74
C PRO A 71 5.78 -6.80 -28.22
N ALA A 72 5.97 -6.99 -29.53
CA ALA A 72 6.36 -8.31 -30.06
C ALA A 72 7.75 -8.68 -29.54
N LEU A 73 8.05 -9.97 -29.62
CA LEU A 73 9.36 -10.50 -29.23
C LEU A 73 10.46 -9.68 -29.94
N GLY A 74 11.52 -9.35 -29.19
CA GLY A 74 12.66 -8.56 -29.71
C GLY A 74 12.50 -7.05 -29.53
N THR A 75 11.39 -6.62 -28.92
CA THR A 75 11.08 -5.20 -28.64
C THR A 75 10.82 -5.03 -27.15
N PHE A 76 11.29 -3.95 -26.56
CA PHE A 76 10.93 -3.61 -25.21
C PHE A 76 10.05 -2.36 -25.19
N SER A 77 9.25 -2.28 -24.12
CA SER A 77 8.49 -1.08 -23.77
C SER A 77 9.21 -0.32 -22.63
N ARG A 78 9.27 1.01 -22.76
CA ARG A 78 9.77 1.89 -21.71
C ARG A 78 8.67 2.91 -21.32
N TYR A 79 8.33 2.96 -20.03
CA TYR A 79 7.47 4.03 -19.55
C TYR A 79 8.34 5.00 -18.71
N GLU A 80 8.27 6.30 -19.02
CA GLU A 80 9.19 7.26 -18.44
C GLU A 80 8.39 8.39 -17.75
N SER A 81 8.75 8.67 -16.49
CA SER A 81 8.31 9.88 -15.84
C SER A 81 9.55 10.69 -15.43
N THR A 82 9.45 12.02 -15.49
CA THR A 82 10.58 12.89 -15.16
C THR A 82 10.13 14.11 -14.37
N ARG A 83 11.04 14.62 -13.55
CA ARG A 83 10.78 15.84 -12.83
C ARG A 83 10.45 16.99 -13.79
N SER A 84 11.09 17.00 -14.96
CA SER A 84 10.82 18.01 -16.00
C SER A 84 9.39 17.89 -16.55
N GLY A 85 8.68 16.78 -16.33
CA GLY A 85 7.22 16.76 -16.45
C GLY A 85 6.67 15.60 -17.27
N ARG A 86 7.50 14.72 -17.83
CA ARG A 86 6.93 13.56 -18.52
C ARG A 86 6.21 12.69 -17.48
N ARG A 87 5.10 12.07 -17.89
CA ARG A 87 4.29 11.30 -16.95
C ARG A 87 3.93 9.96 -17.60
N MET A 88 4.70 8.93 -17.21
CA MET A 88 4.50 7.58 -17.69
C MET A 88 4.31 7.57 -19.21
N GLU A 89 5.20 8.25 -19.93
CA GLU A 89 5.14 8.27 -21.40
C GLU A 89 5.76 6.97 -21.96
N LEU A 90 5.08 6.37 -22.92
CA LEU A 90 5.44 5.09 -23.49
C LEU A 90 6.36 5.28 -24.70
N SER A 91 7.47 4.58 -24.74
CA SER A 91 8.25 4.46 -25.98
C SER A 91 8.77 3.02 -26.11
N MET A 92 9.29 2.69 -27.29
CA MET A 92 9.75 1.33 -27.57
C MET A 92 11.13 1.36 -28.22
N GLY A 93 11.80 0.23 -28.07
CA GLY A 93 13.12 0.07 -28.60
C GLY A 93 13.46 -1.39 -28.83
N PRO A 94 14.56 -1.62 -29.56
CA PRO A 94 14.95 -2.96 -29.95
C PRO A 94 15.81 -3.59 -28.85
N ILE A 95 15.63 -4.87 -28.70
CA ILE A 95 16.48 -5.72 -27.91
C ILE A 95 17.56 -6.26 -28.84
N GLN A 96 18.81 -5.96 -28.52
CA GLN A 96 19.90 -6.23 -29.44
C GLN A 96 20.70 -7.45 -29.00
N ALA A 97 21.19 -8.20 -29.99
CA ALA A 97 22.02 -9.39 -29.78
C ALA A 97 23.37 -9.01 -29.13
N ASN A 98 23.92 -7.87 -29.51
CA ASN A 98 25.30 -7.53 -29.16
C ASN A 98 25.36 -6.33 -28.23
N HIS A 99 26.40 -6.26 -27.41
CA HIS A 99 26.73 -5.06 -26.63
C HIS A 99 28.25 -4.88 -26.59
N THR A 100 28.68 -3.62 -26.68
CA THR A 100 30.05 -3.24 -26.29
C THR A 100 30.02 -2.00 -25.39
N GLY A 101 31.04 -1.85 -24.58
CA GLY A 101 31.17 -0.68 -23.73
C GLY A 101 31.81 -1.08 -22.43
N THR A 102 32.50 -0.15 -21.78
CA THR A 102 32.90 -0.35 -20.39
C THR A 102 31.86 0.30 -19.46
N GLY A 103 30.66 0.57 -19.96
CA GLY A 103 29.69 1.32 -19.20
C GLY A 103 28.86 0.43 -18.28
N LEU A 104 28.01 1.05 -17.47
CA LEU A 104 27.20 0.36 -16.48
C LEU A 104 26.33 -0.70 -17.16
N LEU A 105 26.42 -1.91 -16.64
CA LEU A 105 25.62 -3.04 -17.11
C LEU A 105 24.82 -3.60 -15.92
N LEU A 106 23.52 -3.71 -16.09
CA LEU A 106 22.66 -4.38 -15.12
C LEU A 106 22.23 -5.70 -15.75
N THR A 107 22.69 -6.83 -15.16
CA THR A 107 22.42 -8.13 -15.75
C THR A 107 21.29 -8.80 -14.96
N LEU A 108 20.23 -9.08 -15.65
CA LEU A 108 19.12 -9.76 -15.06
C LEU A 108 19.57 -11.16 -14.59
N GLN A 109 19.04 -11.59 -13.46
CA GLN A 109 19.33 -12.93 -12.91
C GLN A 109 18.00 -13.69 -12.83
N PRO A 110 17.45 -14.09 -13.98
CA PRO A 110 16.07 -14.59 -14.01
C PRO A 110 15.88 -15.87 -13.17
N GLU A 111 16.93 -16.65 -12.95
CA GLU A 111 16.79 -17.90 -12.19
C GLU A 111 17.14 -17.70 -10.69
N GLN A 112 17.57 -16.50 -10.30
CA GLN A 112 17.72 -16.19 -8.88
C GLN A 112 16.40 -15.62 -8.38
N LYS A 113 15.60 -16.47 -7.75
CA LYS A 113 14.21 -16.11 -7.43
C LYS A 113 14.05 -15.66 -5.98
N PHE A 114 13.29 -14.59 -5.75
CA PHE A 114 12.98 -14.21 -4.39
C PHE A 114 11.46 -14.38 -4.16
N GLN A 115 10.82 -13.35 -3.59
CA GLN A 115 9.46 -13.45 -3.08
C GLN A 115 8.45 -13.31 -4.24
N LYS A 116 7.27 -13.89 -4.04
CA LYS A 116 6.14 -13.67 -4.96
C LYS A 116 5.31 -12.49 -4.46
N VAL A 117 4.81 -11.71 -5.40
CA VAL A 117 4.22 -10.42 -5.09
C VAL A 117 2.70 -10.59 -4.98
N LYS A 118 2.14 -10.09 -3.89
CA LYS A 118 0.70 -10.02 -3.69
C LYS A 118 0.12 -8.83 -4.50
N GLY A 119 0.65 -7.64 -4.32
CA GLY A 119 0.28 -6.51 -5.17
C GLY A 119 0.42 -5.15 -4.49
N PHE A 120 -0.42 -4.21 -4.97
CA PHE A 120 -0.30 -2.78 -4.65
C PHE A 120 -1.69 -2.15 -4.52
N GLY A 121 -1.81 -1.19 -3.62
CA GLY A 121 -3.06 -0.43 -3.52
C GLY A 121 -2.98 0.68 -2.50
N GLY A 122 -4.16 0.98 -1.93
CA GLY A 122 -4.29 2.07 -0.97
C GLY A 122 -5.51 1.86 -0.07
N ALA A 123 -5.79 2.86 0.78
CA ALA A 123 -6.77 2.71 1.87
C ALA A 123 -8.05 3.50 1.53
N MET A 124 -9.17 2.82 1.61
CA MET A 124 -10.51 3.46 1.57
C MET A 124 -10.94 3.85 2.99
N THR A 125 -10.35 4.91 3.50
CA THR A 125 -10.72 5.52 4.77
C THR A 125 -12.02 6.31 4.62
N ASP A 126 -12.60 6.78 5.73
CA ASP A 126 -13.76 7.65 5.64
C ASP A 126 -13.40 8.92 4.88
N ALA A 127 -12.21 9.42 5.14
CA ALA A 127 -11.74 10.65 4.51
C ALA A 127 -11.60 10.46 2.99
N ALA A 128 -11.06 9.34 2.54
CA ALA A 128 -10.91 9.12 1.10
C ALA A 128 -12.28 8.98 0.45
N ALA A 129 -13.17 8.23 1.09
CA ALA A 129 -14.54 8.06 0.59
C ALA A 129 -15.25 9.42 0.44
N LEU A 130 -15.14 10.28 1.45
CA LEU A 130 -15.82 11.59 1.45
C LEU A 130 -15.29 12.52 0.35
N ASN A 131 -14.00 12.51 0.17
CA ASN A 131 -13.32 13.27 -0.86
C ASN A 131 -13.76 12.77 -2.24
N ILE A 132 -13.70 11.46 -2.47
CA ILE A 132 -14.09 10.95 -3.78
C ILE A 132 -15.55 11.34 -4.06
N LEU A 133 -16.44 11.09 -3.11
CA LEU A 133 -17.87 11.29 -3.39
C LEU A 133 -18.23 12.77 -3.46
N ALA A 134 -17.35 13.66 -3.01
CA ALA A 134 -17.62 15.09 -3.10
C ALA A 134 -17.43 15.60 -4.53
N LEU A 135 -16.72 14.83 -5.37
CA LEU A 135 -16.60 15.10 -6.79
C LEU A 135 -17.91 14.74 -7.50
N SER A 136 -18.09 15.32 -8.67
CA SER A 136 -19.20 14.98 -9.57
C SER A 136 -19.05 13.50 -10.00
N PRO A 137 -20.17 12.82 -10.24
CA PRO A 137 -20.10 11.46 -10.77
C PRO A 137 -19.05 11.22 -11.88
N PRO A 138 -18.98 12.05 -12.92
CA PRO A 138 -17.90 11.86 -13.90
C PRO A 138 -16.49 11.90 -13.32
N ALA A 139 -16.18 12.92 -12.53
CA ALA A 139 -14.87 13.02 -11.95
C ALA A 139 -14.63 11.85 -10.97
N GLN A 140 -15.64 11.43 -10.21
CA GLN A 140 -15.47 10.23 -9.35
C GLN A 140 -14.96 9.04 -10.16
N ASN A 141 -15.58 8.86 -11.31
CA ASN A 141 -15.31 7.69 -12.16
C ASN A 141 -13.89 7.76 -12.73
N LEU A 142 -13.48 8.96 -13.14
CA LEU A 142 -12.14 9.17 -13.71
C LEU A 142 -11.10 8.95 -12.62
N LEU A 143 -11.45 9.29 -11.38
CA LEU A 143 -10.52 9.09 -10.26
C LEU A 143 -10.38 7.58 -9.99
N LEU A 144 -11.50 6.87 -9.90
CA LEU A 144 -11.45 5.45 -9.61
C LEU A 144 -10.79 4.67 -10.74
N LYS A 145 -11.01 5.10 -12.00
CA LYS A 145 -10.33 4.50 -13.14
C LYS A 145 -8.82 4.74 -13.03
N SER A 146 -8.40 5.91 -12.57
CA SER A 146 -7.02 6.24 -12.49
C SER A 146 -6.30 5.16 -11.66
N TYR A 147 -6.93 4.69 -10.61
CA TYR A 147 -6.32 3.75 -9.70
C TYR A 147 -6.58 2.29 -10.11
N PHE A 148 -7.80 1.96 -10.52
CA PHE A 148 -8.29 0.56 -10.53
C PHE A 148 -8.45 -0.01 -11.95
N SER A 149 -8.40 0.77 -13.01
CA SER A 149 -8.62 0.16 -14.30
C SER A 149 -7.28 -0.08 -15.01
N GLU A 150 -7.34 -0.88 -16.07
CA GLU A 150 -6.16 -1.12 -16.88
C GLU A 150 -5.82 0.16 -17.67
N GLU A 151 -6.73 1.13 -17.75
CA GLU A 151 -6.39 2.43 -18.38
C GLU A 151 -5.79 3.38 -17.33
N GLY A 152 -5.65 2.90 -16.10
CA GLY A 152 -4.94 3.59 -15.04
C GLY A 152 -3.82 2.72 -14.49
N ILE A 153 -3.63 2.63 -13.18
CA ILE A 153 -2.37 2.00 -12.73
C ILE A 153 -2.63 0.65 -12.04
N GLY A 154 -3.82 0.07 -12.24
CA GLY A 154 -4.06 -1.37 -11.96
C GLY A 154 -3.87 -1.81 -10.52
N TYR A 155 -4.24 -0.98 -9.53
CA TYR A 155 -4.33 -1.37 -8.11
C TYR A 155 -5.14 -2.68 -7.92
N ASN A 156 -4.64 -3.59 -7.09
CA ASN A 156 -5.35 -4.83 -6.80
C ASN A 156 -5.51 -5.03 -5.28
N ILE A 157 -5.20 -4.03 -4.46
CA ILE A 157 -5.43 -4.09 -3.01
C ILE A 157 -6.19 -2.88 -2.49
N ILE A 158 -7.17 -3.13 -1.61
CA ILE A 158 -7.80 -2.03 -0.84
C ILE A 158 -7.79 -2.35 0.65
N ARG A 159 -7.22 -1.45 1.44
CA ARG A 159 -7.23 -1.58 2.89
C ARG A 159 -8.47 -0.84 3.42
N VAL A 160 -9.20 -1.50 4.32
CA VAL A 160 -10.46 -1.02 4.82
C VAL A 160 -10.40 -0.92 6.34
N PRO A 161 -10.43 0.31 6.87
CA PRO A 161 -10.54 0.39 8.33
C PRO A 161 -11.83 -0.25 8.84
N MET A 162 -11.71 -0.94 9.98
CA MET A 162 -12.84 -1.42 10.76
C MET A 162 -13.27 -0.27 11.70
N ALA A 163 -14.26 0.49 11.20
CA ALA A 163 -14.83 1.66 11.87
C ALA A 163 -13.85 2.83 11.81
N SER A 164 -13.86 3.69 12.83
CA SER A 164 -13.30 5.04 12.66
C SER A 164 -11.80 5.02 12.98
N CYS A 165 -11.09 5.94 12.33
CA CYS A 165 -9.69 6.21 12.65
C CYS A 165 -9.49 7.73 12.67
N ASP A 166 -8.26 8.19 12.59
CA ASP A 166 -8.00 9.63 12.53
C ASP A 166 -8.58 10.26 11.24
N PHE A 167 -8.51 9.50 10.13
CA PHE A 167 -9.04 9.94 8.83
C PHE A 167 -10.54 9.62 8.76
N SER A 168 -11.23 10.11 9.79
CA SER A 168 -12.69 10.03 10.03
C SER A 168 -13.14 11.40 10.55
N ILE A 169 -14.39 11.75 10.31
CA ILE A 169 -14.91 12.99 10.83
C ILE A 169 -15.81 12.72 12.05
N ARG A 170 -16.15 11.46 12.30
CA ARG A 170 -17.02 11.02 13.39
C ARG A 170 -16.30 9.87 14.10
N THR A 171 -16.30 9.86 15.42
CA THR A 171 -15.72 8.75 16.17
C THR A 171 -16.88 7.78 16.49
N TYR A 172 -16.70 6.53 16.10
CA TYR A 172 -17.71 5.48 16.28
C TYR A 172 -16.97 4.13 16.23
N THR A 173 -17.57 3.11 16.81
CA THR A 173 -17.23 1.73 16.48
C THR A 173 -18.49 1.08 15.94
N TYR A 174 -18.44 -0.20 15.59
CA TYR A 174 -19.61 -0.94 15.14
C TYR A 174 -20.45 -1.46 16.31
N ALA A 175 -20.00 -1.30 17.55
CA ALA A 175 -20.76 -1.85 18.70
C ALA A 175 -20.67 -0.92 19.91
N ASP A 176 -21.21 0.28 19.76
CA ASP A 176 -21.05 1.29 20.80
C ASP A 176 -22.01 1.15 21.98
N THR A 177 -23.05 0.32 21.86
CA THR A 177 -23.94 0.10 22.99
C THR A 177 -23.21 -0.76 24.04
N PRO A 178 -23.09 -0.27 25.29
CA PRO A 178 -22.23 -0.93 26.26
C PRO A 178 -22.69 -2.33 26.67
N ASP A 179 -21.74 -3.14 27.10
CA ASP A 179 -22.04 -4.45 27.69
C ASP A 179 -22.82 -5.40 26.80
N ASP A 180 -22.67 -5.21 25.48
CA ASP A 180 -23.27 -6.07 24.48
C ASP A 180 -22.26 -7.17 24.08
N PHE A 181 -21.97 -8.08 24.99
CA PHE A 181 -20.85 -9.02 24.81
C PHE A 181 -21.14 -10.05 23.72
N GLN A 182 -22.40 -10.37 23.44
CA GLN A 182 -22.70 -11.27 22.30
C GLN A 182 -22.83 -10.45 21.00
N LEU A 183 -22.72 -9.13 21.09
CA LEU A 183 -22.66 -8.22 19.91
C LEU A 183 -23.96 -8.34 19.10
N HIS A 184 -25.08 -8.39 19.78
CA HIS A 184 -26.40 -8.39 19.11
C HIS A 184 -26.64 -7.05 18.39
N ASN A 185 -26.07 -5.97 18.92
CA ASN A 185 -26.25 -4.64 18.35
C ASN A 185 -25.07 -4.28 17.42
N PHE A 186 -24.17 -5.21 17.08
CA PHE A 186 -23.17 -4.94 16.03
C PHE A 186 -23.89 -4.54 14.73
N SER A 187 -23.50 -3.44 14.11
CA SER A 187 -24.08 -3.06 12.84
C SER A 187 -23.15 -2.08 12.14
N LEU A 188 -23.20 -2.09 10.81
CA LEU A 188 -22.44 -1.14 9.99
C LEU A 188 -23.23 0.17 9.87
N PRO A 189 -22.58 1.31 10.14
CA PRO A 189 -23.20 2.62 9.93
C PRO A 189 -23.09 3.02 8.45
N GLU A 190 -23.53 4.22 8.14
CA GLU A 190 -23.60 4.69 6.78
C GLU A 190 -22.21 4.93 6.22
N GLU A 191 -21.23 5.22 7.09
CA GLU A 191 -19.86 5.38 6.59
C GLU A 191 -19.48 4.15 5.75
N ASP A 192 -19.91 2.96 6.18
CA ASP A 192 -19.69 1.75 5.42
C ASP A 192 -20.76 1.52 4.35
N THR A 193 -22.04 1.53 4.72
CA THR A 193 -23.11 1.06 3.81
C THR A 193 -23.34 2.07 2.67
N LYS A 194 -23.10 3.34 2.95
CA LYS A 194 -23.41 4.38 1.98
C LYS A 194 -22.15 4.91 1.28
N LEU A 195 -20.97 4.84 1.90
CA LEU A 195 -19.79 5.47 1.31
C LEU A 195 -18.73 4.43 0.91
N LYS A 196 -18.20 3.71 1.89
CA LYS A 196 -17.07 2.83 1.63
C LYS A 196 -17.50 1.65 0.73
N ILE A 197 -18.57 0.95 1.09
CA ILE A 197 -18.92 -0.29 0.40
C ILE A 197 -19.29 -0.03 -1.07
N PRO A 198 -20.16 0.90 -1.33
CA PRO A 198 -20.41 1.15 -2.73
C PRO A 198 -19.20 1.60 -3.55
N LEU A 199 -18.27 2.35 -2.96
CA LEU A 199 -17.07 2.76 -3.70
C LEU A 199 -16.18 1.53 -3.99
N ILE A 200 -16.05 0.64 -3.02
CA ILE A 200 -15.28 -0.55 -3.22
C ILE A 200 -15.92 -1.38 -4.34
N HIS A 201 -17.24 -1.49 -4.35
CA HIS A 201 -17.92 -2.23 -5.45
C HIS A 201 -17.60 -1.58 -6.80
N ARG A 202 -17.60 -0.23 -6.87
CA ARG A 202 -17.29 0.47 -8.15
C ARG A 202 -15.83 0.17 -8.59
N ALA A 203 -14.87 0.15 -7.65
CA ALA A 203 -13.49 -0.15 -8.00
C ALA A 203 -13.37 -1.58 -8.55
N LEU A 204 -14.05 -2.52 -7.91
CA LEU A 204 -14.05 -3.92 -8.33
C LEU A 204 -14.62 -4.03 -9.74
N GLN A 205 -15.65 -3.25 -10.03
CA GLN A 205 -16.29 -3.33 -11.32
C GLN A 205 -15.30 -2.84 -12.38
N LEU A 206 -14.50 -1.84 -12.05
CA LEU A 206 -13.55 -1.25 -13.02
C LEU A 206 -12.30 -2.12 -13.22
N ALA A 207 -11.93 -2.89 -12.19
CA ALA A 207 -10.71 -3.71 -12.22
C ALA A 207 -10.89 -4.96 -13.09
N GLN A 208 -9.91 -5.26 -13.94
CA GLN A 208 -9.82 -6.58 -14.56
C GLN A 208 -8.98 -7.52 -13.68
N ARG A 209 -8.07 -7.00 -12.88
CA ARG A 209 -7.36 -7.88 -11.92
C ARG A 209 -8.26 -8.20 -10.72
N PRO A 210 -8.18 -9.42 -10.20
CA PRO A 210 -8.82 -9.73 -8.92
C PRO A 210 -8.29 -8.77 -7.83
N VAL A 211 -9.21 -8.11 -7.10
CA VAL A 211 -8.84 -7.16 -6.05
C VAL A 211 -8.95 -7.89 -4.70
N SER A 212 -7.99 -7.64 -3.80
CA SER A 212 -7.97 -8.23 -2.49
C SER A 212 -8.20 -7.13 -1.43
N LEU A 213 -9.05 -7.41 -0.45
CA LEU A 213 -9.32 -6.48 0.62
C LEU A 213 -8.53 -6.91 1.88
N LEU A 214 -8.06 -5.90 2.60
CA LEU A 214 -7.38 -6.08 3.89
C LEU A 214 -8.10 -5.23 4.94
N ALA A 215 -8.49 -5.81 6.08
CA ALA A 215 -9.15 -5.05 7.13
C ALA A 215 -8.21 -4.81 8.31
N SER A 216 -8.36 -3.65 8.94
CA SER A 216 -7.58 -3.27 10.12
C SER A 216 -8.43 -2.45 11.09
N PRO A 217 -8.51 -2.83 12.38
CA PRO A 217 -9.18 -1.99 13.40
C PRO A 217 -8.25 -0.98 14.10
N TRP A 218 -8.80 0.16 14.50
CA TRP A 218 -7.99 1.13 15.29
C TRP A 218 -8.35 1.01 16.77
N THR A 219 -9.63 1.08 17.09
CA THR A 219 -10.09 0.90 18.47
C THR A 219 -11.24 -0.11 18.51
N SER A 220 -11.38 -0.70 19.70
CA SER A 220 -12.56 -1.44 20.11
C SER A 220 -13.58 -0.47 20.70
N PRO A 221 -14.82 -0.95 20.85
CA PRO A 221 -15.79 -0.32 21.72
C PRO A 221 -15.14 0.08 23.07
N THR A 222 -15.43 1.28 23.55
CA THR A 222 -14.73 1.83 24.72
C THR A 222 -15.04 1.00 25.98
N TRP A 223 -16.17 0.30 26.01
CA TRP A 223 -16.51 -0.49 27.18
C TRP A 223 -15.72 -1.81 27.22
N LEU A 224 -14.89 -2.11 26.20
CA LEU A 224 -13.95 -3.25 26.28
C LEU A 224 -12.57 -2.77 26.78
N LYS A 225 -12.40 -1.45 26.99
CA LYS A 225 -11.05 -0.89 27.16
C LYS A 225 -10.82 -0.45 28.60
N THR A 226 -9.56 -0.57 29.02
CA THR A 226 -9.17 -0.23 30.39
C THR A 226 -9.42 1.26 30.68
N ASN A 227 -9.36 2.10 29.66
CA ASN A 227 -9.45 3.55 29.86
C ASN A 227 -10.83 4.10 29.44
N GLY A 228 -11.69 3.30 28.84
CA GLY A 228 -13.05 3.76 28.52
C GLY A 228 -13.09 4.93 27.52
N ALA A 229 -12.09 5.07 26.65
CA ALA A 229 -12.10 6.11 25.63
C ALA A 229 -11.52 5.51 24.33
N VAL A 230 -11.84 6.14 23.20
CA VAL A 230 -11.37 5.59 21.91
C VAL A 230 -9.86 5.84 21.74
N ASN A 231 -9.35 6.85 22.42
CA ASN A 231 -7.97 7.26 22.27
C ASN A 231 -7.31 7.22 23.65
N GLY A 232 -6.09 7.74 23.76
CA GLY A 232 -5.34 7.72 24.99
C GLY A 232 -4.69 6.36 25.21
N LYS A 233 -3.94 6.28 26.27
CA LYS A 233 -3.32 5.04 26.68
C LYS A 233 -4.37 4.04 27.17
N GLY A 234 -4.48 2.89 26.51
CA GLY A 234 -5.50 1.92 26.92
C GLY A 234 -5.52 0.66 26.05
N SER A 235 -5.81 -0.46 26.69
CA SER A 235 -5.81 -1.76 26.06
C SER A 235 -7.15 -2.45 26.34
N LEU A 236 -7.32 -3.69 25.87
CA LEU A 236 -8.49 -4.47 26.30
C LEU A 236 -8.38 -4.72 27.80
N LYS A 237 -9.53 -4.84 28.44
CA LYS A 237 -9.60 -5.19 29.86
C LYS A 237 -9.31 -6.69 30.01
N GLY A 238 -8.89 -7.10 31.19
CA GLY A 238 -8.75 -8.53 31.44
C GLY A 238 -7.52 -9.09 30.75
N GLN A 239 -7.63 -10.34 30.31
CA GLN A 239 -6.51 -11.13 29.76
C GLN A 239 -7.01 -11.92 28.56
N PRO A 240 -6.12 -12.13 27.59
CA PRO A 240 -6.43 -13.08 26.52
C PRO A 240 -7.06 -14.35 27.09
N GLY A 241 -8.09 -14.84 26.41
CA GLY A 241 -8.84 -16.02 26.81
C GLY A 241 -10.16 -15.71 27.49
N ASP A 242 -10.34 -14.47 27.96
CA ASP A 242 -11.53 -14.09 28.73
C ASP A 242 -12.64 -13.39 27.92
N ILE A 243 -13.71 -13.04 28.61
CA ILE A 243 -14.90 -12.46 27.99
C ILE A 243 -14.54 -11.26 27.10
N TYR A 244 -13.67 -10.37 27.58
CA TYR A 244 -13.38 -9.13 26.82
C TYR A 244 -12.68 -9.47 25.50
N HIS A 245 -11.74 -10.40 25.59
CA HIS A 245 -10.91 -10.76 24.45
C HIS A 245 -11.73 -11.60 23.46
N GLN A 246 -12.54 -12.52 23.98
CA GLN A 246 -13.42 -13.33 23.11
C GLN A 246 -14.43 -12.44 22.37
N THR A 247 -14.93 -11.42 23.06
CA THR A 247 -15.88 -10.49 22.39
C THR A 247 -15.16 -9.72 21.29
N TRP A 248 -13.95 -9.24 21.60
CA TRP A 248 -13.16 -8.53 20.61
C TRP A 248 -12.88 -9.44 19.40
N ALA A 249 -12.51 -10.70 19.60
CA ALA A 249 -12.29 -11.60 18.45
C ALA A 249 -13.61 -11.83 17.68
N ARG A 250 -14.74 -11.94 18.38
CA ARG A 250 -16.06 -12.12 17.72
C ARG A 250 -16.42 -10.89 16.88
N TYR A 251 -15.90 -9.73 17.26
CA TYR A 251 -16.13 -8.48 16.54
C TYR A 251 -15.52 -8.57 15.14
N PHE A 252 -14.33 -9.17 15.02
CA PHE A 252 -13.74 -9.38 13.71
C PHE A 252 -14.63 -10.25 12.82
N VAL A 253 -15.17 -11.34 13.36
CA VAL A 253 -16.07 -12.23 12.61
C VAL A 253 -17.37 -11.48 12.25
N LYS A 254 -17.91 -10.71 13.17
CA LYS A 254 -19.11 -9.92 12.88
C LYS A 254 -18.84 -8.94 11.73
N PHE A 255 -17.66 -8.32 11.76
CA PHE A 255 -17.29 -7.41 10.71
C PHE A 255 -17.28 -8.14 9.36
N LEU A 256 -16.59 -9.29 9.29
CA LEU A 256 -16.47 -10.03 8.02
C LEU A 256 -17.85 -10.53 7.56
N ASP A 257 -18.66 -11.00 8.51
CA ASP A 257 -20.04 -11.38 8.19
C ASP A 257 -20.83 -10.23 7.58
N ALA A 258 -20.69 -9.03 8.16
CA ALA A 258 -21.46 -7.88 7.72
C ALA A 258 -21.02 -7.48 6.29
N TYR A 259 -19.72 -7.42 6.02
CA TYR A 259 -19.24 -7.16 4.63
C TYR A 259 -19.65 -8.29 3.67
N ALA A 260 -19.64 -9.54 4.12
CA ALA A 260 -20.11 -10.68 3.28
C ALA A 260 -21.58 -10.53 2.88
N GLU A 261 -22.42 -9.93 3.75
CA GLU A 261 -23.83 -9.64 3.37
C GLU A 261 -23.89 -8.63 2.21
N HIS A 262 -22.88 -7.76 2.10
CA HIS A 262 -22.75 -6.81 0.99
C HIS A 262 -21.90 -7.38 -0.15
N LYS A 263 -21.63 -8.69 -0.12
CA LYS A 263 -20.94 -9.44 -1.19
C LYS A 263 -19.47 -8.97 -1.34
N LEU A 264 -18.85 -8.66 -0.22
CA LEU A 264 -17.41 -8.39 -0.18
C LEU A 264 -16.76 -9.44 0.75
N GLN A 265 -15.70 -10.07 0.23
CA GLN A 265 -14.87 -11.00 0.99
C GLN A 265 -13.47 -10.42 1.14
N PHE A 266 -12.81 -10.74 2.24
CA PHE A 266 -11.50 -10.22 2.53
C PHE A 266 -10.42 -11.27 2.28
N TRP A 267 -9.27 -10.81 1.81
CA TRP A 267 -8.06 -11.63 1.68
C TRP A 267 -7.40 -11.79 3.05
N ALA A 268 -7.39 -10.71 3.87
CA ALA A 268 -6.61 -10.67 5.11
C ALA A 268 -7.18 -9.64 6.10
N VAL A 269 -6.82 -9.80 7.37
CA VAL A 269 -7.05 -8.82 8.44
C VAL A 269 -5.73 -8.67 9.21
N THR A 270 -5.52 -7.50 9.79
CA THR A 270 -4.42 -7.31 10.72
C THR A 270 -4.95 -7.40 12.14
N ALA A 271 -4.08 -7.81 13.07
CA ALA A 271 -4.47 -8.08 14.48
C ALA A 271 -4.82 -6.79 15.24
N GLU A 272 -4.39 -5.65 14.72
CA GLU A 272 -4.60 -4.31 15.30
C GLU A 272 -3.77 -3.34 14.47
N ASN A 273 -4.32 -2.19 14.08
CA ASN A 273 -3.49 -1.11 13.54
C ASN A 273 -2.61 -0.51 14.65
N GLU A 274 -1.31 -0.49 14.41
CA GLU A 274 -0.30 0.16 15.26
C GLU A 274 -0.57 -0.09 16.75
N PRO A 275 -0.48 -1.35 17.16
CA PRO A 275 -0.69 -1.74 18.54
C PRO A 275 0.23 -1.01 19.52
N SER A 276 1.42 -0.58 19.10
CA SER A 276 2.33 0.13 20.02
C SER A 276 1.75 1.50 20.41
N ALA A 277 0.93 2.11 19.54
CA ALA A 277 0.39 3.43 19.77
C ALA A 277 -0.46 3.47 21.05
N GLY A 278 -1.31 2.47 21.25
CA GLY A 278 -2.18 2.43 22.44
C GLY A 278 -1.44 2.26 23.75
N LEU A 279 -0.11 2.06 23.75
CA LEU A 279 0.64 1.96 24.99
C LEU A 279 1.13 3.35 25.43
N LEU A 280 0.87 4.39 24.64
CA LEU A 280 1.46 5.73 24.89
C LEU A 280 0.45 6.67 25.58
N SER A 281 0.84 7.36 26.66
CA SER A 281 -0.10 8.29 27.32
C SER A 281 -0.38 9.50 26.41
N GLY A 282 -1.61 9.93 26.45
CA GLY A 282 -2.05 11.02 25.60
C GLY A 282 -2.21 10.64 24.14
N TYR A 283 -2.10 9.36 23.75
CA TYR A 283 -2.18 9.10 22.32
C TYR A 283 -3.46 9.77 21.78
N PRO A 284 -3.33 10.64 20.75
CA PRO A 284 -4.41 11.57 20.37
C PRO A 284 -5.65 10.98 19.69
N PHE A 285 -5.54 9.83 19.02
CA PHE A 285 -6.69 9.30 18.30
C PHE A 285 -6.86 7.79 18.55
N GLN A 286 -7.80 7.21 17.82
CA GLN A 286 -8.25 5.85 18.01
C GLN A 286 -7.05 4.91 18.02
N CYS A 287 -7.00 4.10 19.07
CA CYS A 287 -5.96 3.11 19.25
C CYS A 287 -6.39 2.01 20.23
N LEU A 288 -5.61 0.94 20.24
CA LEU A 288 -5.82 -0.14 21.20
C LEU A 288 -4.46 -0.80 21.46
N GLY A 289 -4.00 -0.65 22.69
CA GLY A 289 -2.63 -0.99 23.02
C GLY A 289 -2.43 -2.48 23.26
N PHE A 290 -1.43 -3.03 22.58
CA PHE A 290 -0.92 -4.38 22.86
C PHE A 290 0.61 -4.36 22.93
N THR A 291 1.17 -4.91 24.02
CA THR A 291 2.56 -5.37 23.99
C THR A 291 2.68 -6.54 23.01
N PRO A 292 3.91 -6.88 22.57
CA PRO A 292 4.01 -8.08 21.74
C PRO A 292 3.53 -9.36 22.44
N GLU A 293 3.77 -9.48 23.73
CA GLU A 293 3.28 -10.64 24.51
C GLU A 293 1.73 -10.64 24.52
N HIS A 294 1.13 -9.46 24.64
CA HIS A 294 -0.33 -9.34 24.63
C HIS A 294 -0.88 -9.78 23.27
N GLN A 295 -0.29 -9.30 22.18
CA GLN A 295 -0.76 -9.70 20.84
C GLN A 295 -0.55 -11.20 20.61
N ARG A 296 0.60 -11.73 21.03
CA ARG A 296 0.89 -13.18 20.96
C ARG A 296 -0.25 -14.00 21.58
N ASP A 297 -0.57 -13.70 22.84
CA ASP A 297 -1.62 -14.41 23.58
C ASP A 297 -3.03 -14.19 23.02
N PHE A 298 -3.33 -12.96 22.60
CA PHE A 298 -4.61 -12.66 21.95
C PHE A 298 -4.79 -13.50 20.67
N ILE A 299 -3.73 -13.58 19.85
CA ILE A 299 -3.77 -14.30 18.59
C ILE A 299 -3.98 -15.79 18.87
N ALA A 300 -3.21 -16.30 19.84
CA ALA A 300 -3.14 -17.72 20.11
C ALA A 300 -4.46 -18.21 20.71
N ARG A 301 -5.00 -17.44 21.65
CA ARG A 301 -6.12 -17.89 22.49
C ARG A 301 -7.48 -17.41 21.95
N ASP A 302 -7.53 -16.26 21.29
CA ASP A 302 -8.82 -15.71 20.88
C ASP A 302 -9.00 -15.51 19.39
N LEU A 303 -8.11 -14.76 18.75
CA LEU A 303 -8.39 -14.30 17.39
C LEU A 303 -8.19 -15.45 16.39
N GLY A 304 -7.10 -16.18 16.53
CA GLY A 304 -6.82 -17.31 15.63
C GLY A 304 -7.93 -18.35 15.65
N PRO A 305 -8.19 -18.92 16.84
CA PRO A 305 -9.27 -19.91 16.99
C PRO A 305 -10.64 -19.39 16.51
N THR A 306 -10.98 -18.15 16.84
CA THR A 306 -12.28 -17.60 16.44
C THR A 306 -12.38 -17.52 14.90
N LEU A 307 -11.33 -17.03 14.24
CA LEU A 307 -11.38 -16.98 12.77
C LEU A 307 -11.37 -18.40 12.21
N ALA A 308 -10.57 -19.28 12.80
CA ALA A 308 -10.44 -20.66 12.28
C ALA A 308 -11.78 -21.40 12.36
N ASN A 309 -12.62 -21.06 13.33
CA ASN A 309 -13.89 -21.75 13.57
C ASN A 309 -15.04 -21.08 12.77
N SER A 310 -14.72 -20.06 11.97
CA SER A 310 -15.74 -19.25 11.26
C SER A 310 -15.79 -19.63 9.78
N THR A 311 -16.78 -19.12 9.06
CA THR A 311 -16.84 -19.30 7.60
C THR A 311 -15.65 -18.60 6.93
N HIS A 312 -15.00 -17.70 7.66
CA HIS A 312 -13.95 -16.85 7.13
C HIS A 312 -12.57 -17.44 7.42
N HIS A 313 -12.49 -18.76 7.59
CA HIS A 313 -11.23 -19.41 8.01
C HIS A 313 -10.12 -19.22 6.97
N ASN A 314 -10.46 -18.92 5.70
CA ASN A 314 -9.42 -18.75 4.66
C ASN A 314 -8.82 -17.33 4.71
N VAL A 315 -9.40 -16.40 5.46
CA VAL A 315 -8.84 -15.06 5.61
C VAL A 315 -7.47 -15.18 6.30
N ARG A 316 -6.46 -14.50 5.78
CA ARG A 316 -5.14 -14.55 6.38
C ARG A 316 -5.08 -13.56 7.54
N LEU A 317 -4.23 -13.87 8.52
CA LEU A 317 -4.04 -12.99 9.68
C LEU A 317 -2.61 -12.44 9.63
N LEU A 318 -2.52 -11.12 9.69
CA LEU A 318 -1.23 -10.47 9.70
C LEU A 318 -1.01 -9.82 11.07
N MET A 319 0.19 -10.00 11.61
CA MET A 319 0.57 -9.44 12.89
C MET A 319 1.32 -8.13 12.69
N LEU A 320 1.58 -7.45 13.80
CA LEU A 320 2.33 -6.19 13.88
C LEU A 320 1.49 -5.04 13.30
N ASP A 321 1.48 -4.80 11.98
CA ASP A 321 0.73 -3.64 11.39
C ASP A 321 1.23 -2.33 12.04
N ASP A 322 2.54 -2.20 12.06
CA ASP A 322 3.21 -1.13 12.79
C ASP A 322 4.63 -0.93 12.17
N GLN A 323 5.37 0.00 12.75
CA GLN A 323 6.65 0.50 12.26
C GLN A 323 7.75 -0.58 12.39
N ARG A 324 8.70 -0.53 11.47
CA ARG A 324 9.68 -1.62 11.31
C ARG A 324 10.66 -1.70 12.49
N LEU A 325 10.92 -0.62 13.23
CA LEU A 325 11.89 -0.73 14.32
C LEU A 325 11.37 -1.63 15.46
N LEU A 326 10.12 -2.06 15.37
CA LEU A 326 9.61 -3.05 16.31
C LEU A 326 10.10 -4.46 15.92
N LEU A 327 10.71 -4.60 14.75
CA LEU A 327 11.24 -5.88 14.27
C LEU A 327 12.76 -5.92 14.48
N PRO A 328 13.33 -7.11 14.68
CA PRO A 328 12.64 -8.42 14.74
C PRO A 328 12.04 -8.85 16.10
N HIS A 329 12.21 -8.08 17.18
CA HIS A 329 11.69 -8.41 18.51
C HIS A 329 10.23 -8.87 18.51
N TRP A 330 9.34 -8.14 17.82
CA TRP A 330 7.89 -8.45 17.86
C TRP A 330 7.63 -9.82 17.22
N ALA A 331 8.33 -10.06 16.13
CA ALA A 331 8.23 -11.33 15.40
C ALA A 331 8.77 -12.46 16.29
N LYS A 332 9.84 -12.16 17.03
CA LYS A 332 10.44 -13.18 17.86
C LYS A 332 9.43 -13.57 18.95
N VAL A 333 8.81 -12.56 19.53
CA VAL A 333 7.92 -12.79 20.66
C VAL A 333 6.71 -13.60 20.19
N VAL A 334 6.15 -13.24 19.04
CA VAL A 334 4.92 -13.90 18.62
C VAL A 334 5.22 -15.27 17.97
N LEU A 335 6.20 -15.32 17.06
CA LEU A 335 6.31 -16.45 16.16
C LEU A 335 7.08 -17.60 16.82
N THR A 336 7.76 -17.36 17.94
CA THR A 336 8.45 -18.46 18.65
C THR A 336 7.47 -19.17 19.61
N ASP A 337 6.27 -18.64 19.79
CA ASP A 337 5.18 -19.41 20.42
C ASP A 337 4.42 -20.21 19.35
N PRO A 338 4.42 -21.55 19.42
CA PRO A 338 3.81 -22.31 18.35
C PRO A 338 2.28 -22.14 18.27
N GLU A 339 1.62 -21.92 19.42
CA GLU A 339 0.16 -21.77 19.43
C GLU A 339 -0.23 -20.45 18.73
N ALA A 340 0.60 -19.42 18.82
CA ALA A 340 0.35 -18.18 18.06
C ALA A 340 0.83 -18.33 16.61
N ALA A 341 2.05 -18.88 16.46
CA ALA A 341 2.69 -19.05 15.18
C ALA A 341 1.75 -19.71 14.16
N LYS A 342 0.95 -20.68 14.59
CA LYS A 342 0.18 -21.48 13.63
C LYS A 342 -0.98 -20.67 13.04
N TYR A 343 -1.29 -19.52 13.60
CA TYR A 343 -2.38 -18.66 13.09
C TYR A 343 -1.84 -17.51 12.24
N VAL A 344 -0.54 -17.24 12.30
CA VAL A 344 -0.04 -15.99 11.71
C VAL A 344 0.48 -16.32 10.31
N HIS A 345 -0.09 -15.64 9.31
CA HIS A 345 0.29 -15.84 7.91
C HIS A 345 1.42 -14.91 7.49
N GLY A 346 1.47 -13.71 8.07
CA GLY A 346 2.38 -12.66 7.61
C GLY A 346 2.59 -11.57 8.67
N ILE A 347 3.53 -10.71 8.35
CA ILE A 347 3.84 -9.56 9.19
C ILE A 347 3.61 -8.30 8.34
N ALA A 348 2.69 -7.46 8.79
CA ALA A 348 2.38 -6.18 8.16
C ALA A 348 3.27 -5.09 8.75
N VAL A 349 3.84 -4.26 7.89
CA VAL A 349 4.70 -3.17 8.32
C VAL A 349 4.21 -1.83 7.75
N HIS A 350 4.38 -0.78 8.56
CA HIS A 350 4.02 0.57 8.20
C HIS A 350 5.29 1.35 7.87
N TRP A 351 5.20 2.20 6.86
CA TRP A 351 6.31 3.03 6.38
C TRP A 351 5.99 4.52 6.59
N TYR A 352 6.60 5.16 7.60
CA TYR A 352 6.50 6.61 7.75
C TYR A 352 7.68 7.24 7.01
N LEU A 353 7.41 7.72 5.80
CA LEU A 353 8.46 8.07 4.83
C LEU A 353 9.18 9.37 5.22
N ASP A 354 8.63 10.16 6.13
CA ASP A 354 9.31 11.34 6.64
C ASP A 354 10.48 11.02 7.58
N PHE A 355 10.56 9.77 8.07
CA PHE A 355 11.50 9.38 9.14
C PHE A 355 12.46 8.30 8.63
N LEU A 356 13.65 8.27 9.22
CA LEU A 356 14.67 7.29 8.83
C LEU A 356 14.56 6.06 9.73
N ALA A 357 14.80 4.87 9.19
CA ALA A 357 14.93 3.69 10.04
C ALA A 357 15.67 2.59 9.26
N PRO A 358 16.42 1.72 9.95
CA PRO A 358 17.22 0.67 9.27
C PRO A 358 16.30 -0.35 8.58
N ALA A 359 16.73 -0.87 7.45
CA ALA A 359 15.96 -1.86 6.67
C ALA A 359 16.57 -3.25 6.89
N LYS A 360 17.90 -3.34 6.81
CA LYS A 360 18.58 -4.62 6.95
C LYS A 360 18.36 -5.19 8.36
N ALA A 361 18.57 -4.38 9.40
CA ALA A 361 18.46 -4.85 10.78
C ALA A 361 17.00 -5.13 11.18
N THR A 362 16.02 -4.66 10.42
CA THR A 362 14.58 -4.89 10.73
C THR A 362 14.00 -5.97 9.80
N LEU A 363 13.68 -5.59 8.56
CA LEU A 363 13.11 -6.49 7.54
C LEU A 363 14.07 -7.65 7.20
N GLY A 364 15.36 -7.33 7.01
CA GLY A 364 16.36 -8.35 6.61
C GLY A 364 16.50 -9.45 7.64
N GLU A 365 16.68 -9.01 8.89
CA GLU A 365 16.82 -9.87 10.03
C GLU A 365 15.51 -10.67 10.26
N THR A 366 14.34 -10.05 10.07
CA THR A 366 13.08 -10.77 10.27
C THR A 366 12.91 -11.89 9.24
N HIS A 367 13.27 -11.60 8.00
CA HIS A 367 13.25 -12.60 6.95
C HIS A 367 14.26 -13.73 7.25
N ARG A 368 15.40 -13.41 7.86
CA ARG A 368 16.41 -14.45 8.11
C ARG A 368 15.90 -15.38 9.21
N LEU A 369 15.31 -14.81 10.26
CA LEU A 369 14.82 -15.60 11.37
C LEU A 369 13.54 -16.36 11.00
N PHE A 370 12.69 -15.75 10.17
CA PHE A 370 11.37 -16.31 9.86
C PHE A 370 11.12 -16.27 8.35
N PRO A 371 11.89 -17.05 7.59
CA PRO A 371 11.80 -16.93 6.13
C PRO A 371 10.47 -17.37 5.51
N ASN A 372 9.68 -18.16 6.24
CA ASN A 372 8.42 -18.66 5.69
C ASN A 372 7.22 -17.82 6.14
N THR A 373 7.45 -16.71 6.85
CA THR A 373 6.37 -15.81 7.23
C THR A 373 6.46 -14.54 6.38
N MET A 374 5.49 -14.34 5.49
CA MET A 374 5.62 -13.28 4.50
C MET A 374 5.64 -11.89 5.18
N LEU A 375 6.37 -10.96 4.57
CA LEU A 375 6.40 -9.52 4.97
C LEU A 375 5.55 -8.72 3.97
N PHE A 376 4.72 -7.80 4.47
CA PHE A 376 3.78 -7.04 3.67
C PHE A 376 3.72 -5.59 4.19
N ALA A 377 3.86 -4.62 3.32
CA ALA A 377 3.73 -3.20 3.72
C ALA A 377 2.27 -2.77 3.60
N SER A 378 1.64 -2.48 4.76
CA SER A 378 0.19 -2.31 4.87
C SER A 378 -0.21 -0.84 4.92
N GLU A 379 0.77 0.05 5.04
CA GLU A 379 0.51 1.48 5.11
C GLU A 379 1.83 2.24 4.91
N ALA A 380 1.76 3.31 4.11
CA ALA A 380 2.87 4.23 3.92
C ALA A 380 2.29 5.64 3.74
N CSD A 381 3.02 6.66 4.21
CA CSD A 381 2.56 8.03 4.14
CB CSD A 381 1.43 8.31 5.16
SG CSD A 381 1.98 8.56 6.77
C CSD A 381 3.69 8.99 4.31
O CSD A 381 4.72 8.69 4.93
OD1 CSD A 381 2.24 7.18 7.37
OD2 CSD A 381 0.48 8.80 7.48
N VAL A 382 3.47 10.17 3.73
CA VAL A 382 4.44 11.23 3.73
C VAL A 382 3.69 12.52 4.07
N GLY A 383 4.40 13.46 4.69
CA GLY A 383 3.90 14.77 5.02
C GLY A 383 3.23 14.82 6.39
N SER A 384 3.48 13.83 7.24
CA SER A 384 2.81 13.74 8.54
C SER A 384 3.49 14.67 9.56
N LYS A 385 4.74 15.08 9.31
CA LYS A 385 5.41 15.99 10.27
C LYS A 385 4.62 17.29 10.35
N PHE A 386 4.40 17.80 11.57
CA PHE A 386 3.56 18.99 11.74
C PHE A 386 4.16 20.19 11.01
N TRP A 387 5.48 20.22 10.80
CA TRP A 387 6.12 21.42 10.27
C TRP A 387 6.30 21.30 8.76
N GLU A 388 5.87 20.19 8.22
CA GLU A 388 5.93 20.06 6.80
C GLU A 388 4.53 20.27 6.27
N GLN A 389 4.49 20.92 5.14
CA GLN A 389 3.28 21.13 4.47
C GLN A 389 2.63 19.77 4.16
N SER A 390 1.38 19.59 4.57
CA SER A 390 0.76 18.26 4.47
C SER A 390 0.63 17.86 3.00
N VAL A 391 0.18 18.77 2.17
CA VAL A 391 0.05 18.52 0.74
C VAL A 391 1.01 19.45 0.01
N ARG A 392 1.96 18.89 -0.71
CA ARG A 392 2.86 19.65 -1.55
C ARG A 392 2.56 19.30 -3.01
N LEU A 393 1.72 20.11 -3.68
CA LEU A 393 1.23 19.78 -5.02
C LEU A 393 2.40 19.85 -6.01
N GLY A 394 2.80 18.69 -6.56
CA GLY A 394 3.84 18.65 -7.59
C GLY A 394 5.22 18.26 -7.06
N SER A 395 5.31 17.78 -5.82
CA SER A 395 6.57 17.46 -5.17
C SER A 395 7.19 16.19 -5.79
N TRP A 396 8.24 16.37 -6.57
CA TRP A 396 9.04 15.25 -7.09
C TRP A 396 9.75 14.51 -5.95
N ASP A 397 10.30 15.24 -4.99
CA ASP A 397 10.90 14.61 -3.80
C ASP A 397 10.01 13.59 -3.11
N ARG A 398 8.73 13.94 -2.89
CA ARG A 398 7.84 12.98 -2.25
C ARG A 398 7.56 11.81 -3.20
N GLY A 399 7.55 12.05 -4.51
CA GLY A 399 7.46 10.96 -5.49
C GLY A 399 8.65 10.00 -5.35
N MET A 400 9.85 10.55 -5.28
CA MET A 400 11.07 9.73 -5.14
C MET A 400 11.06 8.94 -3.82
N GLN A 401 10.46 9.50 -2.76
CA GLN A 401 10.34 8.82 -1.48
C GLN A 401 9.48 7.56 -1.65
N TYR A 402 8.37 7.67 -2.37
CA TYR A 402 7.49 6.52 -2.56
C TYR A 402 8.24 5.42 -3.35
N SER A 403 8.86 5.77 -4.50
CA SER A 403 9.47 4.71 -5.37
C SER A 403 10.70 4.12 -4.65
N HIS A 404 11.47 4.97 -4.00
CA HIS A 404 12.66 4.48 -3.32
C HIS A 404 12.27 3.52 -2.20
N SER A 405 11.21 3.83 -1.47
CA SER A 405 10.64 2.95 -0.44
C SER A 405 10.12 1.63 -1.03
N ILE A 406 9.43 1.69 -2.14
CA ILE A 406 8.93 0.47 -2.73
C ILE A 406 10.10 -0.42 -3.13
N ILE A 407 11.13 0.17 -3.77
CA ILE A 407 12.29 -0.59 -4.21
C ILE A 407 12.92 -1.24 -2.98
N THR A 408 13.16 -0.44 -1.94
CA THR A 408 13.73 -0.92 -0.68
C THR A 408 12.90 -2.10 -0.14
N ASN A 409 11.58 -1.95 -0.15
CA ASN A 409 10.68 -3.02 0.31
C ASN A 409 10.87 -4.28 -0.53
N LEU A 410 10.84 -4.16 -1.85
CA LEU A 410 10.96 -5.36 -2.70
C LEU A 410 12.32 -6.05 -2.52
N LEU A 411 13.37 -5.27 -2.27
CA LEU A 411 14.73 -5.83 -2.14
C LEU A 411 14.89 -6.53 -0.77
N TYR A 412 13.99 -6.24 0.18
CA TYR A 412 14.01 -6.87 1.49
C TYR A 412 12.80 -7.78 1.65
N HIS A 413 12.42 -8.48 0.58
CA HIS A 413 11.50 -9.65 0.58
C HIS A 413 10.03 -9.29 0.79
N VAL A 414 9.67 -8.01 0.78
CA VAL A 414 8.27 -7.63 1.06
C VAL A 414 7.41 -7.95 -0.16
N VAL A 415 6.20 -8.48 0.07
CA VAL A 415 5.38 -9.09 -1.02
C VAL A 415 4.33 -8.10 -1.55
N GLY A 416 4.20 -6.94 -0.92
CA GLY A 416 3.17 -5.99 -1.33
C GLY A 416 3.39 -4.63 -0.71
N TRP A 417 2.73 -3.61 -1.25
CA TRP A 417 2.85 -2.23 -0.74
C TRP A 417 1.50 -1.52 -0.86
N THR A 418 1.02 -1.03 0.27
CA THR A 418 -0.28 -0.37 0.38
C THR A 418 -0.14 1.07 0.84
N ASP A 419 -0.53 2.02 -0.03
CA ASP A 419 -0.60 3.41 0.31
C ASP A 419 -1.64 3.65 1.41
N TRP A 420 -1.59 4.80 2.03
CA TRP A 420 -2.60 5.22 2.98
C TRP A 420 -3.78 5.83 2.19
N ASN A 421 -4.33 6.95 2.63
CA ASN A 421 -5.62 7.46 2.04
C ASN A 421 -5.56 7.55 0.51
N LEU A 422 -6.56 7.03 -0.20
CA LEU A 422 -6.61 7.06 -1.68
C LEU A 422 -6.75 8.48 -2.20
N ALA A 423 -7.39 9.37 -1.42
CA ALA A 423 -7.61 10.75 -1.86
C ALA A 423 -7.75 11.65 -0.64
N LEU A 424 -7.22 12.86 -0.69
CA LEU A 424 -7.39 13.83 0.39
C LEU A 424 -7.69 15.19 -0.24
N ASN A 425 -8.09 16.13 0.62
CA ASN A 425 -8.38 17.50 0.19
C ASN A 425 -7.05 18.27 0.22
N PRO A 426 -7.03 19.53 -0.26
CA PRO A 426 -5.78 20.32 -0.32
C PRO A 426 -5.13 20.58 1.05
N GLU A 427 -5.90 20.43 2.12
CA GLU A 427 -5.38 20.52 3.47
C GLU A 427 -4.74 19.18 3.92
N GLY A 428 -5.00 18.09 3.24
CA GLY A 428 -4.55 16.76 3.70
C GLY A 428 -5.54 16.11 4.65
N GLY A 429 -6.84 16.49 4.54
CA GLY A 429 -7.92 15.99 5.39
C GLY A 429 -9.12 15.50 4.57
N PRO A 430 -10.30 15.36 5.18
CA PRO A 430 -10.54 15.70 6.58
C PRO A 430 -9.93 14.70 7.59
N ASN A 431 -9.75 15.17 8.82
CA ASN A 431 -9.10 14.40 9.90
C ASN A 431 -9.51 15.04 11.23
N TRP A 432 -10.16 14.28 12.10
CA TRP A 432 -10.87 14.90 13.23
C TRP A 432 -9.87 15.38 14.30
N VAL A 433 -8.60 15.00 14.18
CA VAL A 433 -7.57 15.52 15.12
C VAL A 433 -6.55 16.35 14.35
N ARG A 434 -6.88 16.72 13.10
CA ARG A 434 -6.05 17.59 12.30
C ARG A 434 -4.67 16.95 12.03
N ASN A 435 -4.60 15.61 12.00
CA ASN A 435 -3.36 14.91 11.71
C ASN A 435 -3.19 14.78 10.19
N PHE A 436 -3.02 15.91 9.51
CA PHE A 436 -3.13 15.93 8.06
C PHE A 436 -1.83 15.34 7.45
N VAL A 437 -1.98 14.76 6.28
CA VAL A 437 -0.86 14.12 5.51
C VAL A 437 -1.06 14.32 4.01
N ASP A 438 -0.09 13.92 3.18
CA ASP A 438 -0.23 13.97 1.74
C ASP A 438 -0.91 12.71 1.18
N SER A 439 -1.41 12.79 -0.06
CA SER A 439 -2.03 11.65 -0.76
C SER A 439 -1.66 11.74 -2.25
N PRO A 440 -1.56 10.61 -2.95
CA PRO A 440 -1.32 10.68 -4.42
C PRO A 440 -2.38 11.42 -5.25
N ILE A 441 -3.62 11.53 -4.75
CA ILE A 441 -4.66 12.26 -5.43
C ILE A 441 -5.26 13.27 -4.44
N ILE A 442 -5.29 14.52 -4.90
CA ILE A 442 -5.78 15.67 -4.14
C ILE A 442 -7.04 16.18 -4.85
N VAL A 443 -8.13 16.24 -4.08
CA VAL A 443 -9.47 16.65 -4.59
C VAL A 443 -9.67 18.13 -4.26
N ASP A 444 -10.08 18.92 -5.28
CA ASP A 444 -10.49 20.31 -5.09
C ASP A 444 -11.95 20.46 -5.57
N ILE A 445 -12.84 20.35 -4.58
CA ILE A 445 -14.30 20.32 -4.76
C ILE A 445 -14.77 21.63 -5.40
N THR A 446 -14.16 22.76 -5.05
CA THR A 446 -14.57 24.07 -5.55
C THR A 446 -14.40 24.14 -7.07
N LYS A 447 -13.54 23.32 -7.64
CA LYS A 447 -13.32 23.35 -9.08
C LYS A 447 -13.82 22.06 -9.76
N ASP A 448 -14.44 21.16 -9.00
CA ASP A 448 -14.71 19.78 -9.44
C ASP A 448 -13.51 19.23 -10.18
N THR A 449 -12.34 19.35 -9.53
CA THR A 449 -11.04 18.96 -10.09
C THR A 449 -10.33 18.03 -9.10
N PHE A 450 -9.46 17.15 -9.63
CA PHE A 450 -8.51 16.43 -8.78
C PHE A 450 -7.13 16.43 -9.44
N TYR A 451 -6.10 16.37 -8.59
CA TYR A 451 -4.71 16.51 -8.99
C TYR A 451 -3.96 15.23 -8.69
N LYS A 452 -3.33 14.66 -9.73
CA LYS A 452 -2.52 13.46 -9.56
C LYS A 452 -1.06 13.85 -9.31
N GLN A 453 -0.59 13.48 -8.12
CA GLN A 453 0.70 13.90 -7.58
C GLN A 453 1.82 13.06 -8.23
N PRO A 454 3.06 13.58 -8.24
CA PRO A 454 4.19 12.71 -8.58
C PRO A 454 4.08 11.34 -7.88
N MET A 455 3.65 11.30 -6.60
CA MET A 455 3.50 10.04 -5.86
C MET A 455 2.66 9.03 -6.65
N PHE A 456 1.58 9.49 -7.29
CA PHE A 456 0.72 8.58 -8.04
C PHE A 456 1.51 7.86 -9.13
N TYR A 457 2.32 8.60 -9.89
CA TYR A 457 3.09 8.04 -11.04
C TYR A 457 4.22 7.16 -10.48
N HIS A 458 4.89 7.61 -9.41
CA HIS A 458 5.99 6.80 -8.85
C HIS A 458 5.45 5.42 -8.44
N LEU A 459 4.30 5.39 -7.78
CA LEU A 459 3.66 4.16 -7.35
C LEU A 459 3.17 3.37 -8.59
N GLY A 460 2.56 4.03 -9.57
CA GLY A 460 2.06 3.34 -10.77
C GLY A 460 3.16 2.65 -11.59
N HIS A 461 4.40 3.13 -11.52
CA HIS A 461 5.55 2.53 -12.20
C HIS A 461 5.73 1.08 -11.73
N PHE A 462 5.21 0.79 -10.53
CA PHE A 462 5.21 -0.51 -9.98
C PHE A 462 3.85 -1.18 -10.16
N SER A 463 2.75 -0.57 -9.66
CA SER A 463 1.45 -1.25 -9.60
C SER A 463 0.97 -1.66 -10.99
N LYS A 464 1.26 -0.83 -11.98
CA LYS A 464 0.70 -1.05 -13.28
C LYS A 464 1.33 -2.28 -13.95
N PHE A 465 2.61 -2.53 -13.59
CA PHE A 465 3.48 -3.41 -14.37
C PHE A 465 3.94 -4.65 -13.59
N ILE A 466 3.36 -4.91 -12.43
CA ILE A 466 3.71 -6.06 -11.58
C ILE A 466 2.42 -6.75 -11.11
N PRO A 467 1.90 -7.67 -11.90
CA PRO A 467 0.70 -8.38 -11.47
C PRO A 467 0.93 -9.32 -10.28
N GLU A 468 -0.17 -9.65 -9.60
CA GLU A 468 -0.19 -10.64 -8.56
C GLU A 468 0.46 -11.92 -9.10
N GLY A 469 1.38 -12.41 -8.28
CA GLY A 469 2.05 -13.66 -8.60
C GLY A 469 3.37 -13.45 -9.32
N SER A 470 3.71 -12.20 -9.63
CA SER A 470 5.02 -11.87 -10.14
C SER A 470 6.06 -12.30 -9.08
N GLN A 471 7.26 -12.66 -9.54
CA GLN A 471 8.30 -13.02 -8.61
C GLN A 471 9.49 -12.08 -8.76
N ARG A 472 9.96 -11.51 -7.68
CA ARG A 472 11.16 -10.73 -7.79
C ARG A 472 12.36 -11.63 -8.10
N VAL A 473 13.23 -11.13 -8.99
CA VAL A 473 14.46 -11.82 -9.38
C VAL A 473 15.67 -10.88 -9.21
N GLY A 474 16.86 -11.47 -9.31
CA GLY A 474 18.10 -10.75 -9.17
C GLY A 474 18.37 -9.80 -10.33
N LEU A 475 19.15 -8.78 -10.01
CA LEU A 475 19.68 -7.80 -10.97
C LEU A 475 21.06 -7.35 -10.47
N VAL A 476 22.10 -7.62 -11.23
CA VAL A 476 23.47 -7.37 -10.77
C VAL A 476 24.10 -6.24 -11.58
N ALA A 477 24.60 -5.25 -10.84
CA ALA A 477 25.33 -4.10 -11.44
C ALA A 477 26.80 -4.47 -11.65
N SER A 478 27.34 -4.11 -12.82
CA SER A 478 28.75 -4.35 -13.16
C SER A 478 29.69 -3.33 -12.49
N GLN A 479 29.17 -2.23 -12.01
CA GLN A 479 30.01 -1.25 -11.33
C GLN A 479 29.14 -0.47 -10.34
N LYS A 480 29.82 0.25 -9.47
CA LYS A 480 29.21 1.14 -8.52
C LYS A 480 28.47 2.25 -9.29
N ASN A 481 27.29 2.63 -8.81
CA ASN A 481 26.42 3.56 -9.53
C ASN A 481 25.44 4.15 -8.53
N ASP A 482 24.81 5.24 -8.94
CA ASP A 482 23.84 6.00 -8.13
C ASP A 482 22.37 5.60 -8.37
N LEU A 483 22.10 4.61 -9.21
CA LEU A 483 20.72 4.27 -9.53
C LEU A 483 20.14 3.30 -8.49
N ASP A 484 18.80 3.32 -8.40
CA ASP A 484 18.06 2.32 -7.63
C ASP A 484 17.25 1.47 -8.64
N ALA A 485 17.18 0.17 -8.43
CA ALA A 485 16.52 -0.67 -9.42
C ALA A 485 16.06 -2.00 -8.84
N VAL A 486 15.06 -2.57 -9.48
CA VAL A 486 14.49 -3.85 -9.07
C VAL A 486 14.00 -4.55 -10.36
N ALA A 487 14.11 -5.87 -10.38
CA ALA A 487 13.68 -6.68 -11.49
C ALA A 487 12.69 -7.74 -11.00
N LEU A 488 11.71 -8.04 -11.84
CA LEU A 488 10.76 -9.09 -11.51
C LEU A 488 10.35 -9.81 -12.78
N MET A 489 9.77 -10.99 -12.58
CA MET A 489 9.29 -11.85 -13.66
C MET A 489 7.77 -12.03 -13.44
N HIS A 490 7.00 -11.74 -14.50
CA HIS A 490 5.55 -11.95 -14.49
C HIS A 490 5.24 -13.45 -14.37
N PRO A 491 4.03 -13.79 -13.92
CA PRO A 491 3.54 -15.16 -13.98
C PRO A 491 3.68 -15.77 -15.39
N ASP A 492 3.51 -14.98 -16.45
CA ASP A 492 3.66 -15.54 -17.79
C ASP A 492 5.12 -15.55 -18.31
N GLY A 493 6.11 -15.18 -17.48
CA GLY A 493 7.53 -15.29 -17.83
C GLY A 493 8.16 -13.97 -18.29
N SER A 494 7.33 -12.94 -18.47
CA SER A 494 7.78 -11.67 -19.05
C SER A 494 8.60 -10.90 -18.00
N ALA A 495 9.52 -10.05 -18.46
CA ALA A 495 10.42 -9.30 -17.58
C ALA A 495 9.89 -7.88 -17.34
N VAL A 496 10.08 -7.40 -16.12
CA VAL A 496 9.84 -5.98 -15.78
C VAL A 496 10.99 -5.51 -14.88
N VAL A 497 11.51 -4.34 -15.19
CA VAL A 497 12.61 -3.73 -14.46
C VAL A 497 12.23 -2.28 -14.20
N VAL A 498 12.37 -1.82 -12.95
CA VAL A 498 12.10 -0.42 -12.62
C VAL A 498 13.45 0.21 -12.27
N VAL A 499 13.71 1.38 -12.80
CA VAL A 499 14.97 2.09 -12.58
C VAL A 499 14.66 3.52 -12.09
N LEU A 500 15.18 3.87 -10.93
CA LEU A 500 14.97 5.17 -10.31
C LEU A 500 16.31 5.90 -10.30
N ASN A 501 16.33 7.16 -10.79
CA ASN A 501 17.50 8.00 -10.69
C ASN A 501 17.16 9.20 -9.80
N ARG A 502 17.69 9.23 -8.60
CA ARG A 502 17.50 10.31 -7.66
C ARG A 502 18.59 11.38 -7.78
N SER A 503 19.58 11.15 -8.65
CA SER A 503 20.66 12.12 -8.92
C SER A 503 20.21 13.10 -10.02
N SER A 504 21.03 14.14 -10.18
CA SER A 504 20.81 15.13 -11.17
C SER A 504 21.46 14.75 -12.51
N LYS A 505 22.18 13.64 -12.57
CA LYS A 505 22.98 13.29 -13.78
C LYS A 505 22.29 12.20 -14.62
N ASP A 506 22.33 12.38 -15.92
CA ASP A 506 21.85 11.38 -16.87
C ASP A 506 22.85 10.21 -16.85
N VAL A 507 22.37 8.99 -16.67
CA VAL A 507 23.28 7.85 -16.56
C VAL A 507 22.96 6.89 -17.71
N PRO A 508 23.84 6.77 -18.72
CA PRO A 508 23.62 5.75 -19.72
C PRO A 508 23.82 4.36 -19.07
N LEU A 509 23.01 3.39 -19.46
CA LEU A 509 23.23 2.03 -18.98
C LEU A 509 22.71 1.01 -19.99
N THR A 510 23.07 -0.24 -19.73
CA THR A 510 22.63 -1.36 -20.54
C THR A 510 22.02 -2.41 -19.62
N ILE A 511 20.86 -2.93 -19.98
CA ILE A 511 20.29 -4.03 -19.23
C ILE A 511 20.51 -5.31 -20.06
N LYS A 512 21.11 -6.32 -19.43
CA LYS A 512 21.33 -7.62 -20.11
C LYS A 512 20.34 -8.64 -19.55
N ASP A 513 19.64 -9.28 -20.47
CA ASP A 513 18.83 -10.45 -20.18
C ASP A 513 19.60 -11.56 -20.88
N PRO A 514 20.27 -12.42 -20.09
CA PRO A 514 21.19 -13.40 -20.64
C PRO A 514 20.50 -14.29 -21.69
N ALA A 515 19.18 -14.50 -21.57
CA ALA A 515 18.51 -15.42 -22.46
C ALA A 515 17.99 -14.72 -23.73
N VAL A 516 18.03 -13.39 -23.80
CA VAL A 516 17.21 -12.67 -24.79
C VAL A 516 18.01 -11.57 -25.49
N GLY A 517 18.86 -10.84 -24.76
CA GLY A 517 19.75 -9.82 -25.34
C GLY A 517 19.85 -8.58 -24.46
N PHE A 518 20.15 -7.44 -25.09
CA PHE A 518 20.58 -6.20 -24.39
C PHE A 518 19.63 -5.04 -24.69
N LEU A 519 19.29 -4.29 -23.66
CA LEU A 519 18.54 -3.04 -23.77
C LEU A 519 19.52 -1.87 -23.60
N GLU A 520 19.77 -1.09 -24.64
CA GLU A 520 20.62 0.11 -24.51
C GLU A 520 19.72 1.31 -24.21
N THR A 521 20.01 2.02 -23.15
CA THR A 521 19.09 3.03 -22.68
C THR A 521 19.87 4.06 -21.86
N ILE A 522 19.12 4.89 -21.22
CA ILE A 522 19.65 5.98 -20.47
C ILE A 522 18.68 6.21 -19.31
N SER A 523 19.19 6.56 -18.15
CA SER A 523 18.37 6.92 -16.99
C SER A 523 18.61 8.40 -16.70
N PRO A 524 17.73 9.27 -17.21
CA PRO A 524 17.91 10.70 -16.97
C PRO A 524 17.91 11.08 -15.47
N GLY A 525 18.65 12.13 -15.15
CA GLY A 525 18.54 12.76 -13.85
C GLY A 525 17.08 12.97 -13.48
N TYR A 526 16.74 12.69 -12.22
CA TYR A 526 15.40 12.88 -11.68
C TYR A 526 14.35 12.23 -12.59
N SER A 527 14.53 10.93 -12.83
CA SER A 527 13.60 10.16 -13.63
C SER A 527 13.31 8.83 -12.94
N ILE A 528 12.22 8.24 -13.43
CA ILE A 528 11.89 6.86 -13.15
C ILE A 528 11.37 6.22 -14.44
N HIS A 529 11.88 5.02 -14.73
CA HIS A 529 11.54 4.24 -15.90
C HIS A 529 11.05 2.85 -15.50
N THR A 530 10.01 2.36 -16.19
CA THR A 530 9.73 0.94 -16.14
C THR A 530 9.94 0.33 -17.55
N TYR A 531 10.69 -0.78 -17.59
CA TYR A 531 10.97 -1.56 -18.79
C TYR A 531 10.21 -2.89 -18.73
N LEU A 532 9.64 -3.31 -19.87
CA LEU A 532 9.00 -4.61 -20.00
C LEU A 532 9.34 -5.24 -21.35
N TRP A 533 9.56 -6.56 -21.36
CA TRP A 533 9.77 -7.28 -22.59
C TRP A 533 9.32 -8.74 -22.41
N ARG A 534 8.96 -9.35 -23.53
CA ARG A 534 8.77 -10.80 -23.61
C ARG A 534 10.14 -11.50 -23.63
N ARG A 535 10.19 -12.69 -23.04
CA ARG A 535 11.40 -13.54 -22.95
C ARG A 535 11.23 -14.84 -23.76
N GLN A 536 12.03 -15.00 -24.83
CA GLN A 536 12.28 -16.25 -25.66
C GLN A 536 10.99 -16.73 -26.35
C1 NAG B . -11.57 20.03 -17.79
C2 NAG B . -12.47 21.18 -18.25
C3 NAG B . -12.27 21.43 -19.75
C4 NAG B . -10.79 21.52 -20.11
C5 NAG B . -10.04 20.31 -19.56
C6 NAG B . -8.56 20.35 -19.88
C7 NAG B . -14.64 21.34 -17.08
C8 NAG B . -16.02 20.77 -17.00
N2 NAG B . -13.85 20.79 -17.99
O3 NAG B . -12.96 22.66 -20.13
O4 NAG B . -10.69 21.53 -21.53
O5 NAG B . -10.20 20.25 -18.14
O6 NAG B . -7.94 21.42 -19.18
O7 NAG B . -14.29 22.26 -16.35
H1 NAG B . -11.92 19.13 -18.30
H2 NAG B . -12.22 22.08 -17.69
H3 NAG B . -12.71 20.59 -20.29
H4 NAG B . -10.38 22.44 -19.66
H5 NAG B . -10.46 19.41 -20.02
H61 NAG B . -8.40 20.45 -20.95
H62 NAG B . -8.10 19.41 -19.56
H81 NAG B . -15.99 19.87 -16.43
H82 NAG B . -16.67 21.46 -16.54
H83 NAG B . -16.36 20.54 -17.98
HN2 NAG B . -14.22 20.04 -18.56
HO3 NAG B . -12.88 22.77 -21.10
HO6 NAG B . -6.99 21.44 -19.39
C1 NAG B . -9.86 22.59 -22.02
C2 NAG B . -9.46 22.27 -23.45
C3 NAG B . -8.54 23.34 -24.01
C4 NAG B . -9.28 24.67 -23.93
C5 NAG B . -9.65 24.95 -22.46
C6 NAG B . -10.41 26.27 -22.30
C7 NAG B . -9.19 19.88 -23.91
C8 NAG B . -8.18 18.77 -23.84
N2 NAG B . -8.71 21.03 -23.50
O3 NAG B . -8.29 23.03 -25.37
O4 NAG B . -8.57 25.72 -24.62
O5 NAG B . -10.48 23.88 -21.98
O6 NAG B . -11.60 26.18 -23.09
O7 NAG B . -10.32 19.73 -24.31
H1 NAG B . -8.93 22.65 -21.43
H2 NAG B . -10.36 22.20 -24.07
H3 NAG B . -7.62 23.38 -23.42
H4 NAG B . -10.22 24.52 -24.45
H5 NAG B . -8.74 25.00 -21.86
H61 NAG B . -9.79 27.10 -22.63
H62 NAG B . -10.67 26.42 -21.25
H81 NAG B . -7.86 18.64 -22.84
H82 NAG B . -8.62 17.88 -24.19
H83 NAG B . -7.35 19.01 -24.45
HN2 NAG B . -7.75 21.07 -23.18
HO3 NAG B . -7.74 23.72 -25.76
HO6 NAG B . -12.09 27.02 -23.00
C1 NAG B . -7.18 25.97 -24.32
C2 NAG B . -6.64 26.99 -25.34
C3 NAG B . -5.22 27.46 -24.99
C4 NAG B . -5.07 27.76 -23.51
C5 NAG B . -5.65 26.69 -22.61
C6 NAG B . -5.53 27.15 -21.14
C7 NAG B . -6.07 26.94 -27.79
C8 NAG B . -6.28 26.19 -29.07
N2 NAG B . -6.69 26.44 -26.70
O3 NAG B . -4.89 28.66 -25.72
O4 NAG B . -3.67 27.90 -23.25
O5 NAG B . -7.01 26.44 -22.97
O6 NAG B . -6.19 26.25 -20.24
O7 NAG B . -5.37 27.96 -27.79
H1 NAG B . -6.61 25.05 -24.45
H2 NAG B . -7.29 27.87 -25.32
H3 NAG B . -4.52 26.66 -25.27
H4 NAG B . -5.57 28.71 -23.30
H5 NAG B . -5.06 25.77 -22.73
H61 NAG B . -5.95 28.15 -21.05
H62 NAG B . -4.47 27.21 -20.86
H81 NAG B . -7.31 26.16 -29.30
H82 NAG B . -5.75 26.66 -29.86
H83 NAG B . -5.92 25.19 -28.96
HN2 NAG B . -7.24 25.60 -26.82
HO3 NAG B . -3.90 28.84 -25.46
HO4 NAG B . -3.55 28.14 -22.25
HO6 NAG B . -6.14 26.57 -19.30
C1 NAG C . 26.63 -9.30 -33.58
C2 NAG C . 26.11 -8.90 -34.98
C3 NAG C . 26.70 -9.72 -36.14
C4 NAG C . 28.19 -10.03 -35.93
C5 NAG C . 28.36 -10.70 -34.58
C6 NAG C . 29.79 -11.19 -34.35
C7 NAG C . 23.83 -9.99 -34.87
C8 NAG C . 22.35 -9.69 -34.93
N2 NAG C . 24.63 -8.90 -35.00
O3 NAG C . 26.56 -8.99 -37.36
O4 NAG C . 28.67 -10.88 -36.98
O5 NAG C . 27.99 -9.74 -33.57
O6 NAG C . 30.76 -10.15 -34.55
O7 NAG C . 24.22 -11.14 -34.70
H1 NAG C . 26.00 -10.12 -33.22
H2 NAG C . 26.42 -7.86 -35.15
H3 NAG C . 26.17 -10.68 -36.22
H4 NAG C . 28.74 -9.08 -35.94
H5 NAG C . 27.69 -11.56 -34.53
H61 NAG C . 30.00 -12.02 -35.02
H62 NAG C . 29.88 -11.57 -33.32
H81 NAG C . 22.12 -9.26 -35.88
H82 NAG C . 21.80 -10.59 -34.82
H83 NAG C . 22.09 -9.02 -34.17
HN2 NAG C . 24.18 -8.01 -35.14
HO3 NAG C . 26.79 -9.27 -38.12
HO4 NAG C . 29.48 -10.92 -36.96
HO6 NAG C . 31.55 -10.58 -34.49
K K D . -24.07 -0.56 16.28
K K E . 1.96 18.07 7.92
S SO4 F . 9.94 19.38 -3.69
O1 SO4 F . 9.11 18.93 -2.54
O2 SO4 F . 10.07 18.32 -4.74
O3 SO4 F . 9.33 20.61 -4.25
O4 SO4 F . 11.32 19.70 -3.22
C1 A1IBD G . 22.40 3.46 -5.07
C2 A1IBD G . 22.93 2.02 -5.16
C10 A1IBD G . 19.91 -1.15 -2.58
C11 A1IBD G . 19.42 -1.04 -1.28
C12 A1IBD G . 18.33 -0.24 -0.99
C13 A1IBD G . 17.81 -0.13 0.43
C14 A1IBD G . 17.71 0.45 -2.03
C15 A1IBD G . 18.18 0.36 -3.33
N3 A1IBD G . 23.20 1.70 -6.59
C4 A1IBD G . 21.95 0.99 -4.58
N5 A1IBD G . 20.84 0.70 -5.48
S6 A1IBD G . 19.89 -0.57 -5.24
O7 A1IBD G . 20.74 -1.72 -5.31
O8 A1IBD G . 18.78 -0.48 -6.13
C9 A1IBD G . 19.27 -0.44 -3.60
H22 A1IBD G . 22.96 3.98 -4.47
H20 A1IBD G . 21.48 3.44 -4.74
H21 A1IBD G . 22.41 3.87 -5.96
H16 A1IBD G . 23.78 1.97 -4.66
H26 A1IBD G . 20.66 -1.70 -2.77
H27 A1IBD G . 19.86 -1.52 -0.58
H29 A1IBD G . 18.54 0.11 1.02
H30 A1IBD G . 17.44 -1.00 0.71
H28 A1IBD G . 17.11 0.54 0.47
H31 A1IBD G . 16.95 1.01 -1.84
H32 A1IBD G . 17.75 0.84 -4.03
H19 A1IBD G . 22.48 1.91 -7.11
H17 A1IBD G . 23.38 0.81 -6.68
H24 A1IBD G . 22.45 0.15 -4.40
H23 A1IBD G . 21.60 1.33 -3.73
H25 A1IBD G . 20.42 1.39 -5.81
H18 A1IBD G . 23.92 2.18 -6.89
#